data_6U6N
#
_entry.id   6U6N
#
_cell.length_a   75.704
_cell.length_b   75.704
_cell.length_c   48.865
_cell.angle_alpha   90.000
_cell.angle_beta   90.000
_cell.angle_gamma   120.000
#
_symmetry.space_group_name_H-M   'H 3'
#
loop_
_entity.id
_entity.type
_entity.pdbx_description
1 polymer Adiponectin
2 non-polymer 'CHLORIDE ION'
3 water water
#
_entity_poly.entity_id   1
_entity_poly.type   'polypeptide(L)'
_entity_poly.pdbx_seq_one_letter_code
;GPGGSSAYVYRSAFSVGLETYVTIPNMPIRFTKIFYNQQNHYDGSTGKFHCNIPGLYYFAYHITVYMKDVKVSLFKKDKA
MLFTYAAYQENNVDQASGSVLLHLEVGDQVWLQVYGEGERNGLYADNDNDSTFTGFLLYHDTN
;
_entity_poly.pdbx_strand_id   C
#
loop_
_chem_comp.id
_chem_comp.type
_chem_comp.name
_chem_comp.formula
CL non-polymer 'CHLORIDE ION' 'Cl -1'
#
# COMPACT_ATOMS: atom_id res chain seq x y z
N TYR A 10 -16.26 14.06 3.19
CA TYR A 10 -14.84 13.79 3.12
C TYR A 10 -14.59 12.41 2.51
N ARG A 11 -14.06 12.40 1.29
CA ARG A 11 -13.80 11.19 0.55
C ARG A 11 -12.32 11.09 0.20
N SER A 12 -11.77 9.89 0.37
CA SER A 12 -10.40 9.59 -0.03
C SER A 12 -10.25 8.08 0.01
N ALA A 13 -10.22 7.45 -1.16
CA ALA A 13 -10.16 5.99 -1.25
C ALA A 13 -9.45 5.61 -2.53
N PHE A 14 -9.05 4.34 -2.61
CA PHE A 14 -8.42 3.77 -3.80
C PHE A 14 -8.44 2.26 -3.68
N SER A 15 -8.49 1.59 -4.83
CA SER A 15 -8.37 0.14 -4.90
C SER A 15 -7.73 -0.21 -6.23
N VAL A 16 -6.59 -0.90 -6.19
CA VAL A 16 -5.77 -1.11 -7.37
C VAL A 16 -5.27 -2.55 -7.42
N GLY A 17 -4.95 -3.00 -8.63
CA GLY A 17 -4.51 -4.37 -8.86
C GLY A 17 -3.27 -4.44 -9.74
N LEU A 18 -2.84 -5.67 -9.98
CA LEU A 18 -1.60 -5.91 -10.73
C LEU A 18 -1.74 -6.94 -11.83
N GLU A 19 -2.47 -8.03 -11.59
CA GLU A 19 -2.76 -9.08 -12.55
C GLU A 19 -1.53 -9.89 -12.96
N THR A 20 -0.47 -9.89 -12.16
CA THR A 20 0.73 -10.68 -12.47
C THR A 20 1.09 -11.53 -11.25
N TYR A 21 2.11 -12.37 -11.42
CA TYR A 21 2.50 -13.31 -10.38
C TYR A 21 3.38 -12.65 -9.32
N VAL A 22 4.49 -12.06 -9.73
CA VAL A 22 5.42 -11.43 -8.81
C VAL A 22 6.09 -10.24 -9.46
N THR A 23 5.86 -9.06 -8.92
CA THR A 23 6.44 -7.83 -9.46
C THR A 23 7.91 -7.73 -9.04
N ILE A 24 8.50 -6.56 -9.25
CA ILE A 24 9.91 -6.35 -8.96
C ILE A 24 10.08 -6.05 -7.47
N PRO A 25 11.15 -6.55 -6.83
CA PRO A 25 11.32 -6.29 -5.40
C PRO A 25 12.09 -5.01 -5.12
N ASN A 26 12.26 -4.70 -3.84
CA ASN A 26 13.05 -3.57 -3.34
C ASN A 26 12.54 -2.22 -3.83
N MET A 27 11.35 -2.17 -4.40
CA MET A 27 10.74 -0.95 -4.88
C MET A 27 9.25 -0.99 -4.56
N PRO A 28 8.59 0.16 -4.48
CA PRO A 28 7.13 0.15 -4.29
C PRO A 28 6.44 -0.59 -5.44
N ILE A 29 5.52 -1.48 -5.07
CA ILE A 29 4.75 -2.22 -6.08
C ILE A 29 3.88 -1.23 -6.84
N ARG A 30 4.12 -1.12 -8.14
CA ARG A 30 3.37 -0.20 -8.99
C ARG A 30 2.14 -0.94 -9.52
N PHE A 31 1.00 -0.73 -8.87
CA PHE A 31 -0.24 -1.36 -9.28
C PHE A 31 -0.81 -0.61 -10.48
N THR A 32 -0.91 -1.31 -11.62
CA THR A 32 -1.38 -0.69 -12.85
C THR A 32 -2.91 -0.73 -12.99
N LYS A 33 -3.53 -1.87 -12.66
CA LYS A 33 -4.98 -1.97 -12.74
C LYS A 33 -5.62 -1.09 -11.68
N ILE A 34 -6.64 -0.32 -12.08
CA ILE A 34 -7.29 0.65 -11.21
C ILE A 34 -8.76 0.27 -11.08
N PHE A 35 -9.15 -0.17 -9.89
CA PHE A 35 -10.57 -0.44 -9.65
C PHE A 35 -11.31 0.83 -9.25
N TYR A 36 -10.68 1.68 -8.44
CA TYR A 36 -11.27 2.93 -8.01
C TYR A 36 -10.16 3.93 -7.71
N ASN A 37 -10.35 5.17 -8.18
CA ASN A 37 -9.45 6.27 -7.88
C ASN A 37 -10.08 7.58 -8.36
N GLN A 38 -11.12 8.03 -7.66
CA GLN A 38 -11.82 9.24 -8.06
C GLN A 38 -11.21 10.50 -7.48
N GLN A 39 -10.63 10.42 -6.28
CA GLN A 39 -9.95 11.56 -5.68
C GLN A 39 -8.52 11.73 -6.19
N ASN A 40 -8.02 10.77 -6.98
CA ASN A 40 -6.68 10.81 -7.55
C ASN A 40 -5.62 10.96 -6.46
N HIS A 41 -5.76 10.17 -5.40
CA HIS A 41 -4.79 10.15 -4.31
C HIS A 41 -3.81 8.99 -4.39
N TYR A 42 -4.02 8.06 -5.32
CA TYR A 42 -3.07 6.98 -5.58
C TYR A 42 -2.27 7.35 -6.83
N ASP A 43 -0.95 7.32 -6.70
CA ASP A 43 -0.05 7.67 -7.80
C ASP A 43 0.28 6.39 -8.56
N GLY A 44 -0.32 6.23 -9.75
CA GLY A 44 -0.04 5.05 -10.56
C GLY A 44 1.37 5.00 -11.10
N SER A 45 2.05 6.14 -11.21
CA SER A 45 3.41 6.15 -11.71
C SER A 45 4.43 5.72 -10.67
N THR A 46 4.07 5.76 -9.39
CA THR A 46 4.98 5.36 -8.31
C THR A 46 4.45 4.23 -7.44
N GLY A 47 3.14 4.07 -7.33
CA GLY A 47 2.55 3.08 -6.46
C GLY A 47 2.32 3.53 -5.04
N LYS A 48 2.45 4.83 -4.77
CA LYS A 48 2.29 5.37 -3.43
C LYS A 48 0.96 6.10 -3.29
N PHE A 49 0.30 5.90 -2.15
CA PHE A 49 -0.90 6.64 -1.81
C PHE A 49 -0.50 7.89 -1.04
N HIS A 50 -1.00 9.05 -1.48
CA HIS A 50 -0.71 10.32 -0.85
C HIS A 50 -1.93 10.77 -0.04
N CYS A 51 -1.73 10.94 1.26
CA CYS A 51 -2.81 11.39 2.14
C CYS A 51 -3.00 12.89 2.00
N ASN A 52 -4.23 13.31 1.64
CA ASN A 52 -4.58 14.72 1.61
C ASN A 52 -5.64 15.09 2.64
N ILE A 53 -6.27 14.13 3.29
CA ILE A 53 -7.23 14.38 4.36
C ILE A 53 -6.72 13.64 5.60
N PRO A 54 -6.40 14.34 6.68
CA PRO A 54 -5.89 13.66 7.87
C PRO A 54 -6.99 12.87 8.57
N GLY A 55 -6.63 11.69 9.05
CA GLY A 55 -7.57 10.86 9.77
C GLY A 55 -7.13 9.41 9.79
N LEU A 56 -8.06 8.56 10.23
CA LEU A 56 -7.82 7.13 10.34
C LEU A 56 -8.17 6.44 9.03
N TYR A 57 -7.22 5.68 8.49
CA TYR A 57 -7.37 5.02 7.21
C TYR A 57 -7.27 3.51 7.38
N TYR A 58 -8.07 2.78 6.61
CA TYR A 58 -8.04 1.32 6.59
C TYR A 58 -7.36 0.86 5.31
N PHE A 59 -6.33 0.02 5.46
CA PHE A 59 -5.60 -0.53 4.33
C PHE A 59 -5.72 -2.05 4.35
N ALA A 60 -5.97 -2.63 3.17
CA ALA A 60 -6.09 -4.07 3.01
C ALA A 60 -5.43 -4.49 1.71
N TYR A 61 -4.77 -5.63 1.72
CA TYR A 61 -4.04 -6.09 0.55
C TYR A 61 -4.03 -7.61 0.51
N HIS A 62 -3.94 -8.15 -0.70
CA HIS A 62 -3.87 -9.59 -0.94
C HIS A 62 -2.91 -9.80 -2.10
N ILE A 63 -1.65 -10.10 -1.79
CA ILE A 63 -0.58 -10.18 -2.78
C ILE A 63 -0.18 -11.63 -2.97
N THR A 64 -0.09 -12.04 -4.23
CA THR A 64 0.51 -13.31 -4.61
C THR A 64 1.95 -13.06 -5.04
N VAL A 65 2.86 -13.98 -4.67
CA VAL A 65 4.28 -13.81 -4.95
C VAL A 65 4.85 -15.11 -5.47
N TYR A 66 5.59 -15.03 -6.57
CA TYR A 66 6.31 -16.17 -7.14
C TYR A 66 7.80 -15.97 -6.88
N MET A 67 8.18 -15.94 -5.61
CA MET A 67 9.57 -15.76 -5.20
C MET A 67 9.85 -16.59 -3.97
N LYS A 68 11.13 -16.73 -3.65
CA LYS A 68 11.58 -17.42 -2.45
C LYS A 68 11.96 -16.40 -1.38
N ASP A 69 11.72 -16.78 -0.13
CA ASP A 69 11.98 -15.91 1.03
C ASP A 69 11.24 -14.58 0.87
N VAL A 70 9.93 -14.68 0.68
CA VAL A 70 9.11 -13.50 0.45
C VAL A 70 9.09 -12.62 1.69
N LYS A 71 9.05 -11.31 1.48
CA LYS A 71 9.04 -10.34 2.58
C LYS A 71 8.12 -9.19 2.16
N VAL A 72 6.87 -9.22 2.64
CA VAL A 72 5.87 -8.22 2.30
C VAL A 72 5.85 -7.16 3.38
N SER A 73 5.93 -5.89 2.98
CA SER A 73 5.97 -4.77 3.92
C SER A 73 5.04 -3.66 3.46
N LEU A 74 4.32 -3.08 4.41
CA LEU A 74 3.50 -1.89 4.18
C LEU A 74 4.24 -0.70 4.76
N PHE A 75 4.71 0.20 3.90
CA PHE A 75 5.51 1.33 4.32
C PHE A 75 4.65 2.56 4.59
N LYS A 76 5.07 3.36 5.56
CA LYS A 76 4.49 4.68 5.82
C LYS A 76 5.62 5.69 5.88
N LYS A 77 5.54 6.73 5.07
CA LYS A 77 6.45 7.86 5.13
C LYS A 77 5.79 8.95 5.97
N ASP A 78 6.26 9.10 7.21
CA ASP A 78 5.71 10.12 8.10
C ASP A 78 6.21 11.48 7.64
N LYS A 79 5.30 12.28 7.08
CA LYS A 79 5.69 13.59 6.55
C LYS A 79 6.25 14.48 7.65
N ALA A 80 5.60 14.52 8.81
CA ALA A 80 6.04 15.41 9.88
C ALA A 80 7.34 14.92 10.51
N MET A 81 7.46 13.61 10.73
CA MET A 81 8.72 13.07 11.27
C MET A 81 9.83 13.04 10.24
N LEU A 82 9.49 13.15 8.95
CA LEU A 82 10.47 13.18 7.86
C LEU A 82 11.31 11.89 7.84
N PHE A 83 10.64 10.75 7.96
CA PHE A 83 11.32 9.46 7.90
C PHE A 83 10.31 8.39 7.54
N THR A 84 10.81 7.32 6.91
CA THR A 84 9.99 6.23 6.40
C THR A 84 10.24 4.97 7.23
N TYR A 85 9.16 4.24 7.52
CA TYR A 85 9.29 3.01 8.29
C TYR A 85 8.25 2.00 7.81
N ALA A 86 8.52 0.73 8.10
CA ALA A 86 7.60 -0.36 7.75
C ALA A 86 6.56 -0.48 8.84
N ALA A 87 5.35 0.02 8.57
CA ALA A 87 4.27 -0.09 9.54
C ALA A 87 3.75 -1.51 9.69
N TYR A 88 3.98 -2.37 8.70
CA TYR A 88 3.53 -3.75 8.75
C TYR A 88 4.48 -4.60 7.91
N GLN A 89 4.66 -5.86 8.34
CA GLN A 89 5.58 -6.75 7.65
C GLN A 89 5.10 -8.18 7.75
N GLU A 90 5.24 -8.93 6.65
CA GLU A 90 4.99 -10.36 6.60
C GLU A 90 6.18 -11.05 5.95
N ASN A 91 6.45 -12.28 6.39
CA ASN A 91 7.65 -12.99 5.97
C ASN A 91 7.32 -14.42 5.57
N ASN A 92 7.99 -14.90 4.51
CA ASN A 92 7.96 -16.30 4.08
C ASN A 92 6.52 -16.78 3.86
N VAL A 93 5.76 -15.99 3.09
CA VAL A 93 4.38 -16.32 2.74
C VAL A 93 4.21 -16.11 1.25
N ASP A 94 3.82 -17.17 0.53
CA ASP A 94 3.62 -17.06 -0.90
C ASP A 94 2.38 -16.23 -1.22
N GLN A 95 1.28 -16.48 -0.53
CA GLN A 95 0.03 -15.73 -0.71
C GLN A 95 -0.20 -14.92 0.57
N ALA A 96 0.32 -13.70 0.59
CA ALA A 96 0.24 -12.86 1.77
C ALA A 96 -1.00 -11.98 1.73
N SER A 97 -1.76 -12.00 2.82
CA SER A 97 -2.92 -11.15 3.00
C SER A 97 -2.77 -10.38 4.31
N GLY A 98 -3.36 -9.19 4.34
CA GLY A 98 -3.26 -8.37 5.54
C GLY A 98 -4.18 -7.16 5.46
N SER A 99 -4.45 -6.60 6.63
CA SER A 99 -5.22 -5.38 6.74
C SER A 99 -4.87 -4.72 8.08
N VAL A 100 -4.97 -3.39 8.10
CA VAL A 100 -4.53 -2.61 9.26
C VAL A 100 -5.18 -1.24 9.21
N LEU A 101 -5.35 -0.63 10.38
CA LEU A 101 -5.76 0.76 10.49
C LEU A 101 -4.54 1.63 10.77
N LEU A 102 -4.42 2.73 10.04
CA LEU A 102 -3.32 3.66 10.21
C LEU A 102 -3.85 5.07 10.20
N HIS A 103 -3.38 5.89 11.15
CA HIS A 103 -3.70 7.31 11.17
C HIS A 103 -2.67 8.06 10.33
N LEU A 104 -3.14 8.93 9.44
CA LEU A 104 -2.28 9.63 8.52
C LEU A 104 -2.51 11.14 8.62
N GLU A 105 -1.45 11.89 8.36
CA GLU A 105 -1.49 13.34 8.28
C GLU A 105 -1.30 13.77 6.83
N VAL A 106 -1.60 15.04 6.57
CA VAL A 106 -1.42 15.59 5.23
C VAL A 106 0.05 15.50 4.84
N GLY A 107 0.32 14.85 3.71
CA GLY A 107 1.67 14.62 3.24
C GLY A 107 2.20 13.23 3.48
N ASP A 108 1.55 12.45 4.33
CA ASP A 108 1.98 11.08 4.56
C ASP A 108 1.79 10.23 3.32
N GLN A 109 2.62 9.21 3.19
CA GLN A 109 2.57 8.30 2.05
C GLN A 109 2.55 6.86 2.54
N VAL A 110 1.72 6.04 1.91
CA VAL A 110 1.59 4.62 2.24
C VAL A 110 1.71 3.83 0.94
N TRP A 111 2.51 2.76 0.96
CA TRP A 111 2.67 1.92 -0.21
C TRP A 111 3.06 0.52 0.24
N LEU A 112 2.99 -0.41 -0.71
CA LEU A 112 3.36 -1.80 -0.49
C LEU A 112 4.70 -2.11 -1.14
N GLN A 113 5.43 -3.05 -0.54
CA GLN A 113 6.74 -3.43 -1.03
C GLN A 113 6.97 -4.90 -0.71
N VAL A 114 7.70 -5.58 -1.60
CA VAL A 114 7.99 -6.99 -1.46
C VAL A 114 9.47 -7.21 -1.69
N TYR A 115 10.06 -8.17 -0.96
CA TYR A 115 11.43 -8.61 -1.18
C TYR A 115 11.45 -10.11 -1.39
N GLY A 116 12.33 -10.57 -2.25
CA GLY A 116 12.46 -12.00 -2.50
C GLY A 116 13.59 -12.28 -3.46
N GLU A 117 13.79 -13.55 -3.73
CA GLU A 117 14.81 -14.02 -4.66
C GLU A 117 14.15 -14.41 -5.97
N GLY A 118 14.70 -13.92 -7.08
CA GLY A 118 14.12 -14.21 -8.37
C GLY A 118 14.19 -15.69 -8.70
N GLU A 119 13.10 -16.22 -9.23
CA GLU A 119 13.02 -17.64 -9.58
C GLU A 119 13.85 -17.94 -10.83
N ASN A 129 -3.67 -14.19 -11.71
CA ASN A 129 -3.66 -13.87 -10.28
C ASN A 129 -3.71 -12.37 -10.04
N ASP A 130 -4.80 -11.92 -9.43
CA ASP A 130 -4.98 -10.50 -9.12
C ASP A 130 -4.50 -10.23 -7.70
N SER A 131 -3.49 -9.36 -7.58
CA SER A 131 -3.03 -8.89 -6.29
C SER A 131 -3.55 -7.48 -6.08
N THR A 132 -4.24 -7.25 -4.97
CA THR A 132 -4.93 -6.00 -4.72
C THR A 132 -4.29 -5.21 -3.60
N PHE A 133 -4.64 -3.93 -3.55
CA PHE A 133 -4.15 -2.99 -2.54
C PHE A 133 -5.21 -1.91 -2.40
N THR A 134 -5.88 -1.87 -1.26
CA THR A 134 -7.04 -1.00 -1.07
C THR A 134 -6.86 -0.17 0.19
N GLY A 135 -7.25 1.09 0.11
CA GLY A 135 -7.24 1.97 1.28
C GLY A 135 -8.35 2.99 1.17
N PHE A 136 -8.90 3.38 2.31
CA PHE A 136 -9.93 4.40 2.32
C PHE A 136 -9.97 5.10 3.67
N LEU A 137 -10.45 6.35 3.64
CA LEU A 137 -10.57 7.15 4.84
C LEU A 137 -11.79 6.70 5.64
N LEU A 138 -11.56 6.19 6.85
CA LEU A 138 -12.64 5.77 7.72
C LEU A 138 -13.15 6.93 8.57
N TYR A 139 -12.28 7.50 9.40
CA TYR A 139 -12.62 8.61 10.27
C TYR A 139 -11.71 9.78 9.94
N HIS A 140 -12.30 10.93 9.61
CA HIS A 140 -11.52 12.14 9.39
C HIS A 140 -11.38 12.91 10.69
N ASP A 141 -10.22 13.55 10.85
CA ASP A 141 -9.96 14.32 12.07
C ASP A 141 -10.91 15.51 12.14
N THR A 142 -11.37 15.81 13.36
CA THR A 142 -12.28 16.93 13.61
C THR A 142 -11.65 17.82 14.67
N ASN A 143 -11.12 18.97 14.25
CA ASN A 143 -10.50 19.91 15.16
C ASN A 143 -10.83 21.35 14.78
CL CL B . -9.22 -9.05 4.17
#